data_3EPP
#
_entry.id   3EPP
#
_cell.length_a   58.515
_cell.length_b   73.650
_cell.length_c   147.518
_cell.angle_alpha   90.000
_cell.angle_beta   90.000
_cell.angle_gamma   90.000
#
_symmetry.space_group_name_H-M   'P 21 21 21'
#
loop_
_entity.id
_entity.type
_entity.pdbx_description
1 polymer 'mRNA cap guanine-N7 methyltransferase'
2 non-polymer SINEFUNGIN
3 water water
#
_entity_poly.entity_id   1
_entity_poly.type   'polypeptide(L)'
_entity_poly.pdbx_seq_one_letter_code
;GSQSRIFYLRNFNNWMKSVLIGEFLEKVRQKKKRDITVLDLGCGKGGDLLKWKKGRINKLVCTDIADVSVKQCQQRYEDM
KNRRDSEYIFSAEFITADSSKELLIDKFRDPQMCFDICSCQFVCHYSFESYEQADMMLRNACERLSPGGYFIGTTPNSFE
LIRRLEASETESFGNEIYTVKFQKKGDYPLFGCKYDFNLEGVVDVPEFLVYFPLLNEMAKKYNMKLVYKKTFLEFYEEKI
KNNENKMLLKRMQALEPYPANESSKLVSEKVDDYEHAAKYMKNSQVRLPLGTLSKSEWEATSIYLVFAFEKQQ
;
_entity_poly.pdbx_strand_id   A,B
#
loop_
_chem_comp.id
_chem_comp.type
_chem_comp.name
_chem_comp.formula
SFG non-polymer SINEFUNGIN 'C15 H23 N7 O5'
#
# COMPACT_ATOMS: atom_id res chain seq x y z
N ILE A 6 -13.44 -15.27 -25.96
CA ILE A 6 -11.95 -15.16 -25.81
C ILE A 6 -11.28 -14.17 -26.78
N PHE A 7 -11.64 -14.25 -28.06
CA PHE A 7 -10.96 -13.49 -29.13
C PHE A 7 -10.99 -11.98 -28.92
N TYR A 8 -12.19 -11.45 -28.65
CA TYR A 8 -12.43 -10.00 -28.59
C TYR A 8 -11.58 -9.27 -27.57
N LEU A 9 -11.54 -9.84 -26.37
CA LEU A 9 -10.71 -9.39 -25.26
C LEU A 9 -9.20 -9.36 -25.56
N ARG A 10 -8.65 -10.50 -25.99
CA ARG A 10 -7.24 -10.62 -26.36
C ARG A 10 -6.89 -9.59 -27.42
N ASN A 11 -7.91 -9.14 -28.10
CA ASN A 11 -7.78 -8.25 -29.20
C ASN A 11 -7.75 -6.81 -28.72
N PHE A 12 -8.65 -6.50 -27.78
CA PHE A 12 -8.60 -5.29 -26.99
C PHE A 12 -7.30 -5.11 -26.20
N ASN A 13 -6.78 -6.20 -25.67
CA ASN A 13 -5.47 -6.20 -25.00
C ASN A 13 -4.30 -6.03 -25.99
N ASN A 14 -4.41 -6.62 -27.16
CA ASN A 14 -3.46 -6.34 -28.22
C ASN A 14 -3.47 -4.84 -28.62
N TRP A 15 -4.67 -4.27 -28.77
CA TRP A 15 -4.80 -2.88 -29.11
C TRP A 15 -4.20 -2.00 -28.02
N MET A 16 -4.39 -2.42 -26.77
CA MET A 16 -3.90 -1.68 -25.62
C MET A 16 -2.38 -1.60 -25.66
N LYS A 17 -1.76 -2.74 -25.88
CA LYS A 17 -0.32 -2.83 -25.91
C LYS A 17 0.25 -2.12 -27.14
N SER A 18 -0.51 -2.13 -28.22
CA SER A 18 -0.17 -1.45 -29.48
C SER A 18 0.00 0.04 -29.29
N VAL A 19 -1.01 0.64 -28.67
CA VAL A 19 -1.10 2.07 -28.46
C VAL A 19 -0.04 2.51 -27.42
N LEU A 20 0.20 1.65 -26.44
CA LEU A 20 1.15 1.88 -25.33
C LEU A 20 2.59 1.82 -25.80
N ILE A 21 2.93 0.72 -26.47
CA ILE A 21 4.21 0.52 -27.13
C ILE A 21 4.52 1.64 -28.13
N GLY A 22 3.57 1.97 -28.99
CA GLY A 22 3.78 3.01 -30.01
C GLY A 22 4.03 4.42 -29.48
N GLU A 23 3.32 4.82 -28.42
CA GLU A 23 3.53 6.16 -27.84
C GLU A 23 4.97 6.31 -27.29
N PHE A 24 5.45 5.25 -26.66
CA PHE A 24 6.80 5.24 -26.10
C PHE A 24 7.94 5.04 -27.09
N LEU A 25 7.66 4.40 -28.22
CA LEU A 25 8.59 4.46 -29.36
C LEU A 25 8.62 5.86 -29.99
N GLU A 26 7.49 6.57 -30.09
CA GLU A 26 7.55 7.96 -30.57
C GLU A 26 8.36 8.86 -29.61
N LYS A 27 8.07 8.75 -28.32
CA LYS A 27 8.82 9.42 -27.25
C LYS A 27 10.31 9.09 -27.29
N VAL A 28 10.64 7.79 -27.44
CA VAL A 28 12.03 7.33 -27.63
C VAL A 28 12.73 8.03 -28.80
N ARG A 29 12.06 8.07 -29.96
CA ARG A 29 12.66 8.56 -31.18
C ARG A 29 12.83 10.07 -31.24
N GLN A 30 12.20 10.80 -30.32
CA GLN A 30 12.39 12.27 -30.25
C GLN A 30 13.81 12.64 -29.78
N LYS A 31 14.52 11.64 -29.25
CA LYS A 31 15.95 11.76 -28.90
C LYS A 31 16.79 10.88 -29.82
N LYS A 32 17.51 11.53 -30.76
CA LYS A 32 18.28 10.87 -31.84
C LYS A 32 18.52 9.38 -31.63
N ASP A 35 19.31 3.63 -32.81
CA ASP A 35 19.23 2.15 -32.82
C ASP A 35 18.49 1.61 -31.59
N ILE A 36 17.18 1.44 -31.74
CA ILE A 36 16.25 1.07 -30.68
C ILE A 36 16.38 -0.38 -30.23
N THR A 37 16.78 -0.55 -28.97
CA THR A 37 17.02 -1.85 -28.38
C THR A 37 16.00 -2.04 -27.27
N VAL A 38 15.32 -3.20 -27.31
CA VAL A 38 14.14 -3.43 -26.48
C VAL A 38 14.21 -4.78 -25.76
N LEU A 39 13.87 -4.75 -24.48
CA LEU A 39 13.66 -5.95 -23.71
C LEU A 39 12.16 -6.26 -23.49
N ASP A 40 11.76 -7.39 -24.05
CA ASP A 40 10.45 -7.96 -23.87
C ASP A 40 10.58 -9.05 -22.77
N LEU A 41 10.13 -8.67 -21.58
CA LEU A 41 10.28 -9.44 -20.34
C LEU A 41 8.97 -10.14 -20.03
N GLY A 42 9.01 -11.50 -20.08
CA GLY A 42 7.81 -12.29 -20.02
C GLY A 42 7.05 -12.29 -21.34
N CYS A 43 7.79 -12.45 -22.43
CA CYS A 43 7.37 -12.26 -23.80
C CYS A 43 6.29 -13.26 -24.29
N GLY A 44 6.09 -14.35 -23.55
CA GLY A 44 5.16 -15.41 -23.97
C GLY A 44 5.55 -16.07 -25.27
N LYS A 45 4.54 -16.42 -26.05
CA LYS A 45 4.69 -17.04 -27.38
C LYS A 45 5.05 -16.07 -28.50
N GLY A 46 5.22 -14.81 -28.14
CA GLY A 46 5.61 -13.76 -29.06
C GLY A 46 4.48 -12.91 -29.60
N GLY A 47 3.41 -12.74 -28.80
CA GLY A 47 2.27 -11.89 -29.17
C GLY A 47 2.61 -10.44 -29.52
N ASP A 48 3.81 -9.95 -29.16
CA ASP A 48 4.16 -8.54 -29.39
C ASP A 48 5.24 -8.34 -30.41
N LEU A 49 5.75 -9.42 -30.99
CA LEU A 49 6.75 -9.35 -32.08
C LEU A 49 6.37 -8.43 -33.25
N LEU A 50 5.15 -8.54 -33.74
CA LEU A 50 4.68 -7.68 -34.83
C LEU A 50 4.65 -6.20 -34.48
N LYS A 51 4.25 -5.87 -33.24
CA LYS A 51 4.28 -4.49 -32.72
C LYS A 51 5.66 -3.84 -32.79
N TRP A 52 6.68 -4.62 -32.42
CA TRP A 52 8.09 -4.22 -32.51
C TRP A 52 8.54 -4.11 -33.96
N LYS A 53 8.07 -5.03 -34.78
CA LYS A 53 8.39 -4.99 -36.19
C LYS A 53 7.79 -3.73 -36.86
N LYS A 54 6.56 -3.41 -36.49
CA LYS A 54 5.87 -2.31 -37.09
C LYS A 54 6.50 -1.01 -36.60
N GLY A 55 6.99 -1.04 -35.36
CA GLY A 55 7.71 0.06 -34.76
C GLY A 55 9.13 0.23 -35.24
N ARG A 56 9.64 -0.72 -36.01
CA ARG A 56 10.99 -0.59 -36.62
C ARG A 56 12.14 -0.49 -35.58
N ILE A 57 12.00 -1.23 -34.49
CA ILE A 57 13.11 -1.38 -33.57
C ILE A 57 14.23 -2.15 -34.29
N ASN A 58 15.45 -2.03 -33.79
CA ASN A 58 16.62 -2.58 -34.42
C ASN A 58 17.09 -3.87 -33.68
N LYS A 59 16.94 -3.93 -32.36
CA LYS A 59 17.25 -5.12 -31.58
C LYS A 59 16.18 -5.41 -30.53
N LEU A 60 15.88 -6.71 -30.32
CA LEU A 60 14.95 -7.16 -29.32
C LEU A 60 15.44 -8.39 -28.58
N VAL A 61 15.40 -8.34 -27.26
CA VAL A 61 15.69 -9.51 -26.43
C VAL A 61 14.35 -9.92 -25.87
N CYS A 62 14.06 -11.20 -26.05
CA CYS A 62 12.81 -11.81 -25.64
C CYS A 62 13.18 -12.82 -24.56
N THR A 63 12.54 -12.74 -23.40
CA THR A 63 12.82 -13.66 -22.32
C THR A 63 11.55 -14.07 -21.55
N ASP A 64 11.50 -15.32 -21.07
CA ASP A 64 10.32 -15.85 -20.40
C ASP A 64 10.69 -17.04 -19.52
N ILE A 65 9.85 -17.35 -18.54
CA ILE A 65 10.16 -18.43 -17.64
C ILE A 65 9.96 -19.79 -18.31
N ALA A 66 9.01 -19.85 -19.26
CA ALA A 66 8.56 -21.11 -19.89
C ALA A 66 9.33 -21.32 -21.18
N ASP A 67 10.17 -22.34 -21.20
CA ASP A 67 10.95 -22.66 -22.37
C ASP A 67 10.08 -22.98 -23.57
N VAL A 68 8.96 -23.67 -23.38
CA VAL A 68 8.06 -24.01 -24.49
C VAL A 68 7.54 -22.75 -25.22
N SER A 69 7.33 -21.68 -24.46
CA SER A 69 6.81 -20.40 -24.98
C SER A 69 7.88 -19.58 -25.69
N VAL A 70 9.07 -19.51 -25.08
CA VAL A 70 10.25 -18.88 -25.69
C VAL A 70 10.59 -19.52 -27.06
N LYS A 71 10.53 -20.85 -27.11
CA LYS A 71 10.77 -21.56 -28.38
C LYS A 71 9.66 -21.29 -29.42
N GLN A 72 8.42 -21.21 -28.95
CA GLN A 72 7.32 -20.70 -29.77
C GLN A 72 7.59 -19.23 -30.21
N CYS A 73 8.08 -18.39 -29.30
CA CYS A 73 8.44 -17.01 -29.63
C CYS A 73 9.50 -16.97 -30.75
N GLN A 74 10.55 -17.77 -30.57
CA GLN A 74 11.64 -17.93 -31.52
C GLN A 74 11.21 -18.43 -32.93
N GLN A 75 10.34 -19.41 -32.99
CA GLN A 75 9.80 -19.91 -34.26
C GLN A 75 8.93 -18.84 -34.97
N ARG A 76 8.00 -18.22 -34.25
CA ARG A 76 7.25 -17.07 -34.75
C ARG A 76 8.15 -16.00 -35.42
N TYR A 77 9.21 -15.63 -34.72
CA TYR A 77 10.22 -14.71 -35.20
C TYR A 77 10.92 -15.19 -36.48
N GLU A 78 11.35 -16.45 -36.52
CA GLU A 78 11.98 -17.04 -37.72
C GLU A 78 11.00 -17.04 -38.91
N ASP A 79 9.73 -17.32 -38.62
CA ASP A 79 8.67 -17.30 -39.62
C ASP A 79 8.55 -15.91 -40.24
N MET A 80 8.43 -14.87 -39.41
CA MET A 80 8.32 -13.50 -39.90
C MET A 80 9.52 -13.10 -40.73
N LYS A 81 10.69 -13.56 -40.32
CA LYS A 81 11.95 -13.21 -40.94
C LYS A 81 12.04 -13.92 -42.29
N ASN A 82 11.67 -15.19 -42.32
CA ASN A 82 11.66 -15.99 -43.55
C ASN A 82 10.65 -15.50 -44.59
N ARG A 83 9.53 -14.97 -44.13
CA ARG A 83 8.51 -14.39 -45.00
C ARG A 83 8.74 -12.89 -45.21
N SER A 86 12.05 -8.71 -48.22
CA SER A 86 12.78 -7.46 -48.52
C SER A 86 12.63 -6.38 -47.45
N GLU A 87 11.59 -6.51 -46.62
CA GLU A 87 11.28 -5.58 -45.54
C GLU A 87 12.18 -5.76 -44.32
N TYR A 88 12.38 -4.66 -43.60
CA TYR A 88 13.24 -4.62 -42.42
C TYR A 88 12.72 -5.43 -41.24
N ILE A 89 13.59 -6.21 -40.61
CA ILE A 89 13.30 -6.80 -39.29
C ILE A 89 14.51 -6.64 -38.34
N PHE A 90 14.25 -6.25 -37.10
CA PHE A 90 15.17 -6.36 -35.97
C PHE A 90 15.89 -7.72 -35.81
N SER A 91 17.08 -7.70 -35.21
CA SER A 91 17.75 -8.92 -34.77
C SER A 91 17.28 -9.31 -33.36
N ALA A 92 17.30 -10.58 -33.00
CA ALA A 92 16.66 -10.96 -31.74
C ALA A 92 17.43 -12.03 -30.95
N GLU A 93 17.43 -11.89 -29.61
CA GLU A 93 18.14 -12.78 -28.68
C GLU A 93 17.02 -13.37 -27.86
N PHE A 94 17.06 -14.67 -27.57
CA PHE A 94 16.02 -15.38 -26.82
C PHE A 94 16.62 -16.07 -25.60
N ILE A 95 16.04 -15.78 -24.42
CA ILE A 95 16.54 -16.32 -23.14
C ILE A 95 15.39 -16.94 -22.34
N THR A 96 15.53 -18.21 -22.00
CA THR A 96 14.69 -18.83 -20.97
C THR A 96 15.31 -18.59 -19.56
N ALA A 97 14.65 -17.70 -18.79
CA ALA A 97 15.07 -17.40 -17.42
C ALA A 97 13.85 -17.11 -16.53
N ASP A 98 14.01 -17.30 -15.22
CA ASP A 98 13.07 -16.81 -14.21
C ASP A 98 13.60 -15.44 -13.82
N SER A 99 13.02 -14.39 -14.41
CA SER A 99 13.44 -12.98 -14.14
C SER A 99 13.13 -12.50 -12.70
N SER A 100 12.48 -13.35 -11.93
CA SER A 100 12.25 -13.01 -10.53
C SER A 100 13.32 -13.64 -9.61
N LYS A 101 14.14 -14.55 -10.16
CA LYS A 101 15.19 -15.24 -9.38
C LYS A 101 16.58 -15.14 -10.03
N GLU A 102 16.62 -14.92 -11.33
CA GLU A 102 17.88 -14.83 -12.03
C GLU A 102 18.12 -13.41 -12.59
N LEU A 103 19.41 -13.12 -12.75
CA LEU A 103 19.89 -11.82 -13.12
C LEU A 103 20.23 -11.83 -14.61
N LEU A 104 19.42 -11.13 -15.42
CA LEU A 104 19.55 -11.11 -16.90
C LEU A 104 20.86 -10.53 -17.47
N ILE A 105 21.46 -9.58 -16.77
CA ILE A 105 22.83 -9.12 -17.00
C ILE A 105 23.80 -10.29 -17.15
N ASP A 106 23.61 -11.30 -16.30
CA ASP A 106 24.41 -12.53 -16.30
C ASP A 106 24.03 -13.50 -17.42
N LYS A 107 22.96 -13.18 -18.17
CA LYS A 107 22.44 -14.06 -19.23
C LYS A 107 22.65 -13.53 -20.66
N PHE A 108 22.52 -12.21 -20.84
CA PHE A 108 22.74 -11.52 -22.11
C PHE A 108 24.08 -11.91 -22.70
N ARG A 109 24.16 -11.94 -24.04
CA ARG A 109 25.46 -12.10 -24.69
C ARG A 109 26.36 -10.96 -24.27
N ASP A 110 25.75 -9.79 -24.13
CA ASP A 110 26.43 -8.55 -23.80
C ASP A 110 25.88 -8.10 -22.44
N PRO A 111 26.68 -8.32 -21.38
CA PRO A 111 26.23 -7.96 -20.05
C PRO A 111 25.95 -6.46 -19.90
N GLN A 112 26.71 -5.63 -20.62
CA GLN A 112 26.59 -4.19 -20.50
C GLN A 112 25.75 -3.61 -21.59
N MET A 113 24.87 -4.44 -22.14
CA MET A 113 23.94 -3.95 -23.17
C MET A 113 22.93 -2.99 -22.55
N CYS A 114 22.40 -2.09 -23.38
CA CYS A 114 21.49 -1.05 -22.93
C CYS A 114 20.19 -1.19 -23.65
N PHE A 115 19.11 -0.79 -22.99
CA PHE A 115 17.80 -0.89 -23.61
C PHE A 115 17.16 0.45 -23.63
N ASP A 116 16.38 0.70 -24.67
CA ASP A 116 15.64 1.95 -24.75
C ASP A 116 14.29 1.77 -24.09
N ILE A 117 13.70 0.59 -24.26
CA ILE A 117 12.48 0.23 -23.55
C ILE A 117 12.58 -1.18 -22.96
N CYS A 118 11.99 -1.34 -21.76
CA CYS A 118 11.61 -2.66 -21.26
C CYS A 118 10.08 -2.73 -21.28
N SER A 119 9.52 -3.60 -22.12
CA SER A 119 8.09 -3.89 -22.08
C SER A 119 7.76 -5.12 -21.20
N CYS A 120 6.83 -4.93 -20.29
CA CYS A 120 6.51 -5.93 -19.29
C CYS A 120 4.98 -6.14 -19.20
N GLN A 121 4.44 -6.87 -20.17
CA GLN A 121 3.01 -6.89 -20.42
C GLN A 121 2.33 -8.09 -19.78
N PHE A 122 1.48 -7.84 -18.78
CA PHE A 122 0.77 -8.90 -18.06
C PHE A 122 1.73 -9.89 -17.43
N VAL A 123 2.73 -9.39 -16.70
CA VAL A 123 3.79 -10.27 -16.14
C VAL A 123 4.12 -10.03 -14.66
N CYS A 124 4.11 -8.78 -14.24
CA CYS A 124 4.64 -8.32 -12.94
C CYS A 124 4.00 -8.93 -11.72
N HIS A 125 2.69 -9.15 -11.79
CA HIS A 125 1.93 -9.77 -10.69
C HIS A 125 2.49 -11.13 -10.25
N TYR A 126 3.17 -11.86 -11.16
CA TYR A 126 3.85 -13.11 -10.82
C TYR A 126 5.07 -12.96 -9.92
N SER A 127 5.73 -11.80 -9.97
CA SER A 127 6.98 -11.59 -9.20
C SER A 127 6.73 -11.16 -7.76
N PHE A 128 5.47 -10.84 -7.44
CA PHE A 128 5.14 -10.32 -6.12
C PHE A 128 4.81 -11.43 -5.17
N GLU A 129 5.38 -12.60 -5.43
CA GLU A 129 5.26 -13.74 -4.53
C GLU A 129 6.05 -13.42 -3.25
N SER A 130 7.04 -12.56 -3.43
CA SER A 130 7.95 -12.18 -2.37
C SER A 130 8.68 -10.91 -2.73
N TYR A 131 9.28 -10.30 -1.73
CA TYR A 131 10.03 -9.06 -1.91
C TYR A 131 11.27 -9.28 -2.79
N GLU A 132 12.01 -10.35 -2.50
CA GLU A 132 13.22 -10.70 -3.24
C GLU A 132 12.91 -10.85 -4.72
N GLN A 133 11.77 -11.49 -5.01
CA GLN A 133 11.27 -11.67 -6.39
C GLN A 133 10.74 -10.43 -7.07
N ALA A 134 9.95 -9.63 -6.34
CA ALA A 134 9.48 -8.37 -6.89
C ALA A 134 10.64 -7.45 -7.20
N ASP A 135 11.60 -7.36 -6.28
CA ASP A 135 12.76 -6.47 -6.46
C ASP A 135 13.67 -6.94 -7.58
N MET A 136 13.89 -8.24 -7.68
CA MET A 136 14.67 -8.83 -8.76
C MET A 136 14.07 -8.62 -10.16
N MET A 137 12.75 -8.75 -10.28
CA MET A 137 12.14 -8.55 -11.59
C MET A 137 12.16 -7.10 -12.05
N LEU A 138 12.27 -6.19 -11.09
CA LEU A 138 12.30 -4.73 -11.29
C LEU A 138 13.71 -4.26 -11.62
N ARG A 139 14.71 -4.84 -10.97
CA ARG A 139 16.12 -4.67 -11.34
C ARG A 139 16.35 -5.14 -12.78
N ASN A 140 15.83 -6.33 -13.10
CA ASN A 140 15.99 -6.88 -14.45
C ASN A 140 15.41 -5.95 -15.51
N ALA A 141 14.23 -5.43 -15.19
CA ALA A 141 13.49 -4.49 -16.02
C ALA A 141 14.22 -3.16 -16.17
N CYS A 142 14.88 -2.71 -15.12
CA CYS A 142 15.35 -1.32 -15.04
C CYS A 142 16.84 -1.06 -15.14
N GLU A 143 17.67 -1.99 -14.64
CA GLU A 143 19.08 -1.64 -14.36
C GLU A 143 19.83 -1.32 -15.64
N ARG A 144 19.38 -1.90 -16.75
CA ARG A 144 20.03 -1.71 -18.04
C ARG A 144 19.36 -0.70 -18.98
N LEU A 145 18.23 -0.13 -18.56
CA LEU A 145 17.64 0.99 -19.33
C LEU A 145 18.62 2.16 -19.38
N SER A 146 18.71 2.79 -20.56
CA SER A 146 19.53 3.99 -20.76
C SER A 146 18.86 5.16 -20.06
N PRO A 147 19.63 6.22 -19.71
CA PRO A 147 18.95 7.45 -19.22
C PRO A 147 17.91 7.99 -20.21
N GLY A 148 16.70 8.24 -19.73
CA GLY A 148 15.59 8.61 -20.61
C GLY A 148 14.80 7.42 -21.15
N GLY A 149 15.27 6.19 -20.91
CA GLY A 149 14.61 4.99 -21.37
C GLY A 149 13.38 4.67 -20.54
N TYR A 150 12.55 3.71 -21.01
CA TYR A 150 11.24 3.45 -20.40
C TYR A 150 10.94 2.03 -19.99
N PHE A 151 10.28 1.93 -18.83
CA PHE A 151 9.74 0.69 -18.29
C PHE A 151 8.20 0.78 -18.35
N ILE A 152 7.60 -0.07 -19.18
CA ILE A 152 6.19 0.02 -19.49
C ILE A 152 5.53 -1.32 -19.22
N GLY A 153 4.28 -1.26 -18.78
CA GLY A 153 3.60 -2.50 -18.44
C GLY A 153 2.12 -2.44 -18.20
N THR A 154 1.59 -3.60 -17.82
CA THR A 154 0.15 -3.84 -17.66
C THR A 154 0.03 -4.94 -16.59
N THR A 155 -0.74 -4.67 -15.54
CA THR A 155 -0.90 -5.60 -14.42
C THR A 155 -2.27 -5.31 -13.77
N PRO A 156 -2.86 -6.28 -13.05
CA PRO A 156 -4.12 -5.92 -12.40
C PRO A 156 -4.02 -4.73 -11.46
N ASN A 157 -5.06 -3.91 -11.47
CA ASN A 157 -5.29 -2.85 -10.51
C ASN A 157 -5.77 -3.51 -9.22
N SER A 158 -4.96 -3.41 -8.17
CA SER A 158 -5.24 -4.01 -6.84
C SER A 158 -6.46 -3.36 -6.19
N PHE A 159 -6.67 -2.08 -6.46
CA PHE A 159 -7.86 -1.40 -5.96
C PHE A 159 -9.19 -1.96 -6.49
N GLU A 160 -9.22 -2.32 -7.76
CA GLU A 160 -10.41 -2.92 -8.38
C GLU A 160 -10.64 -4.42 -7.95
N LEU A 161 -9.56 -5.16 -7.74
CA LEU A 161 -9.68 -6.54 -7.23
C LEU A 161 -10.35 -6.59 -5.85
N ILE A 162 -9.84 -5.80 -4.91
CA ILE A 162 -10.35 -5.66 -3.54
C ILE A 162 -11.76 -5.03 -3.46
N ARG A 163 -11.97 -3.93 -4.17
CA ARG A 163 -13.33 -3.40 -4.30
C ARG A 163 -14.33 -4.55 -4.57
N ARG A 164 -14.00 -5.38 -5.56
CA ARG A 164 -14.89 -6.44 -5.99
C ARG A 164 -14.90 -7.61 -5.00
N LEU A 165 -13.76 -7.85 -4.35
CA LEU A 165 -13.65 -8.83 -3.27
C LEU A 165 -14.58 -8.52 -2.07
N GLU A 166 -14.56 -7.25 -1.64
CA GLU A 166 -15.30 -6.73 -0.48
C GLU A 166 -16.79 -6.60 -0.74
N ALA A 167 -17.16 -6.36 -2.00
CA ALA A 167 -18.55 -6.39 -2.45
C ALA A 167 -19.11 -7.81 -2.47
N SER A 168 -18.22 -8.79 -2.57
CA SER A 168 -18.65 -10.14 -2.81
C SER A 168 -19.13 -10.81 -1.53
N GLU A 169 -20.01 -11.77 -1.69
CA GLU A 169 -20.47 -12.58 -0.59
C GLU A 169 -19.44 -13.66 -0.15
N THR A 170 -18.41 -13.88 -0.97
CA THR A 170 -17.39 -14.91 -0.73
C THR A 170 -15.95 -14.36 -1.01
N GLU A 171 -14.97 -15.25 -1.22
CA GLU A 171 -13.59 -14.88 -1.66
C GLU A 171 -13.45 -14.81 -3.20
N SER A 172 -14.60 -14.96 -3.88
CA SER A 172 -14.64 -15.12 -5.33
C SER A 172 -15.56 -14.07 -5.98
N PHE A 173 -15.30 -13.76 -7.25
CA PHE A 173 -16.21 -12.95 -8.04
C PHE A 173 -15.89 -13.14 -9.50
N GLY A 174 -16.84 -12.75 -10.35
CA GLY A 174 -16.63 -12.78 -11.79
C GLY A 174 -17.92 -12.91 -12.56
N ASN A 175 -17.78 -13.01 -13.88
CA ASN A 175 -18.91 -13.19 -14.76
C ASN A 175 -18.64 -14.48 -15.54
N GLU A 176 -19.23 -14.63 -16.72
CA GLU A 176 -19.11 -15.86 -17.51
C GLU A 176 -17.77 -15.94 -18.24
N ILE A 177 -17.09 -14.80 -18.30
CA ILE A 177 -15.81 -14.63 -19.00
C ILE A 177 -14.60 -14.87 -18.08
N TYR A 178 -14.62 -14.31 -16.88
CA TYR A 178 -13.51 -14.48 -15.95
C TYR A 178 -13.93 -14.87 -14.55
N THR A 179 -13.00 -15.46 -13.79
CA THR A 179 -13.20 -15.67 -12.37
C THR A 179 -11.94 -15.28 -11.57
N VAL A 180 -12.16 -14.47 -10.52
CA VAL A 180 -11.14 -14.24 -9.49
C VAL A 180 -11.46 -15.00 -8.20
N LYS A 181 -10.46 -15.68 -7.65
CA LYS A 181 -10.61 -16.42 -6.39
C LYS A 181 -9.42 -16.17 -5.42
N PHE A 182 -9.61 -15.29 -4.44
CA PHE A 182 -8.59 -15.01 -3.43
C PHE A 182 -8.36 -16.17 -2.47
N GLN A 183 -7.09 -16.42 -2.12
CA GLN A 183 -6.79 -17.48 -1.18
C GLN A 183 -7.38 -17.15 0.22
N LYS A 184 -7.19 -15.88 0.60
CA LYS A 184 -7.71 -15.35 1.83
C LYS A 184 -8.37 -14.00 1.56
N LYS A 185 -9.24 -13.58 2.45
CA LYS A 185 -9.99 -12.36 2.22
C LYS A 185 -9.90 -11.58 3.53
N GLY A 186 -9.75 -10.25 3.44
CA GLY A 186 -9.51 -9.39 4.63
C GLY A 186 -8.05 -9.15 4.99
N ASP A 187 -7.14 -9.95 4.42
CA ASP A 187 -5.70 -9.88 4.71
C ASP A 187 -4.93 -9.64 3.41
N TYR A 188 -4.23 -8.49 3.35
CA TYR A 188 -3.58 -8.06 2.10
C TYR A 188 -2.10 -7.73 2.24
N PRO A 189 -1.26 -8.74 2.50
CA PRO A 189 0.14 -8.39 2.68
C PRO A 189 0.75 -7.83 1.40
N LEU A 190 1.82 -7.06 1.56
CA LEU A 190 2.51 -6.46 0.41
C LEU A 190 2.94 -7.56 -0.55
N PHE A 191 3.54 -8.59 0.00
CA PHE A 191 4.02 -9.69 -0.83
C PHE A 191 3.34 -10.99 -0.45
N GLY A 192 3.00 -11.78 -1.46
CA GLY A 192 2.46 -13.10 -1.22
C GLY A 192 0.95 -13.11 -1.17
N CYS A 193 0.30 -12.01 -1.59
CA CYS A 193 -1.17 -11.95 -1.53
C CYS A 193 -1.76 -12.71 -2.70
N LYS A 194 -2.11 -13.96 -2.44
CA LYS A 194 -2.42 -14.92 -3.48
C LYS A 194 -3.88 -14.87 -3.93
N TYR A 195 -4.09 -14.82 -5.25
CA TYR A 195 -5.41 -15.09 -5.87
C TYR A 195 -5.26 -15.93 -7.15
N ASP A 196 -6.35 -16.57 -7.56
CA ASP A 196 -6.45 -17.27 -8.83
C ASP A 196 -7.21 -16.38 -9.80
N PHE A 197 -6.88 -16.46 -11.08
CA PHE A 197 -7.51 -15.64 -12.11
C PHE A 197 -7.71 -16.46 -13.40
N ASN A 198 -8.83 -17.19 -13.52
CA ASN A 198 -9.12 -18.00 -14.73
C ASN A 198 -9.43 -17.18 -15.99
N ASP A 204 -4.25 -21.59 -16.17
CA ASP A 204 -4.83 -20.98 -14.99
C ASP A 204 -3.83 -20.96 -13.82
N VAL A 205 -3.01 -19.90 -13.76
CA VAL A 205 -1.95 -19.81 -12.72
C VAL A 205 -2.29 -18.88 -11.54
N PRO A 206 -1.69 -19.13 -10.35
CA PRO A 206 -1.73 -18.20 -9.23
C PRO A 206 -1.00 -16.88 -9.51
N GLU A 207 -1.68 -15.77 -9.22
CA GLU A 207 -1.09 -14.45 -9.32
C GLU A 207 -0.98 -13.87 -7.92
N PHE A 208 -0.22 -12.78 -7.77
CA PHE A 208 -0.08 -12.10 -6.49
C PHE A 208 -0.40 -10.63 -6.65
N LEU A 209 -1.13 -10.08 -5.68
CA LEU A 209 -1.52 -8.68 -5.66
C LEU A 209 -0.33 -7.72 -5.82
N VAL A 210 -0.47 -6.72 -6.70
CA VAL A 210 0.56 -5.69 -6.89
C VAL A 210 0.04 -4.37 -6.43
N TYR A 211 0.48 -3.92 -5.25
CA TYR A 211 0.03 -2.63 -4.72
C TYR A 211 0.80 -1.56 -5.45
N PHE A 212 0.11 -0.77 -6.27
CA PHE A 212 0.83 0.15 -7.15
C PHE A 212 1.72 1.24 -6.49
N PRO A 213 1.25 1.90 -5.40
CA PRO A 213 2.17 2.72 -4.58
C PRO A 213 3.48 2.04 -4.19
N LEU A 214 3.42 0.74 -3.84
CA LEU A 214 4.60 -0.08 -3.57
C LEU A 214 5.45 -0.36 -4.81
N LEU A 215 4.84 -0.63 -5.98
CA LEU A 215 5.65 -0.76 -7.20
C LEU A 215 6.36 0.56 -7.51
N ASN A 216 5.61 1.66 -7.50
CA ASN A 216 6.17 2.99 -7.72
C ASN A 216 7.37 3.30 -6.83
N GLU A 217 7.21 3.12 -5.52
CA GLU A 217 8.23 3.36 -4.52
C GLU A 217 9.45 2.48 -4.75
N MET A 218 9.19 1.21 -5.07
CA MET A 218 10.23 0.20 -5.23
C MET A 218 11.12 0.53 -6.46
N ALA A 219 10.52 1.12 -7.49
CA ALA A 219 11.26 1.46 -8.71
C ALA A 219 12.21 2.68 -8.54
N LYS A 220 12.08 3.43 -7.45
CA LYS A 220 13.03 4.53 -7.16
C LYS A 220 14.45 4.03 -6.86
N LYS A 221 14.55 2.77 -6.44
CA LYS A 221 15.83 2.12 -6.17
C LYS A 221 16.69 2.03 -7.45
N TYR A 222 16.03 1.92 -8.60
CA TYR A 222 16.68 1.91 -9.90
C TYR A 222 16.56 3.23 -10.67
N ASN A 223 16.51 4.34 -9.95
CA ASN A 223 16.48 5.71 -10.52
C ASN A 223 15.33 5.95 -11.51
N MET A 224 14.15 5.49 -11.13
CA MET A 224 12.99 5.56 -12.01
C MET A 224 11.91 6.46 -11.40
N LYS A 225 11.38 7.36 -12.23
CA LYS A 225 10.25 8.22 -11.90
C LYS A 225 9.02 7.83 -12.73
N LEU A 226 7.84 7.79 -12.11
CA LEU A 226 6.60 7.46 -12.80
C LEU A 226 6.29 8.48 -13.88
N VAL A 227 6.04 7.99 -15.08
CA VAL A 227 5.51 8.79 -16.18
C VAL A 227 3.98 8.93 -16.03
N TYR A 228 3.28 7.79 -16.09
CA TYR A 228 1.87 7.71 -15.72
C TYR A 228 1.45 6.28 -15.37
N LYS A 229 0.42 6.23 -14.54
CA LYS A 229 -0.39 5.05 -14.29
C LYS A 229 -1.82 5.48 -14.65
N LYS A 230 -2.47 4.68 -15.48
CA LYS A 230 -3.86 4.86 -15.81
C LYS A 230 -4.55 3.51 -15.66
N THR A 231 -5.81 3.53 -15.23
CA THR A 231 -6.64 2.31 -15.31
C THR A 231 -6.87 2.05 -16.79
N PHE A 232 -7.18 0.82 -17.17
CA PHE A 232 -7.53 0.48 -18.56
C PHE A 232 -8.64 1.35 -19.16
N LEU A 233 -9.69 1.60 -18.37
CA LEU A 233 -10.82 2.45 -18.77
C LEU A 233 -10.42 3.90 -19.04
N GLU A 234 -9.54 4.42 -18.20
CA GLU A 234 -8.97 5.76 -18.34
C GLU A 234 -8.08 5.85 -19.57
N PHE A 235 -7.24 4.83 -19.77
CA PHE A 235 -6.36 4.75 -20.93
C PHE A 235 -7.18 4.62 -22.22
N TYR A 236 -8.06 3.63 -22.30
CA TYR A 236 -9.08 3.58 -23.36
C TYR A 236 -9.69 4.96 -23.76
N GLU A 237 -10.34 5.66 -22.82
CA GLU A 237 -11.09 6.91 -23.13
C GLU A 237 -10.23 8.15 -23.49
N GLU A 238 -8.99 8.18 -23.01
CA GLU A 238 -8.00 9.18 -23.41
C GLU A 238 -7.45 8.90 -24.79
N LYS A 239 -7.11 7.62 -25.02
CA LYS A 239 -6.45 7.16 -26.26
C LYS A 239 -7.39 6.95 -27.45
N ILE A 240 -8.65 6.63 -27.22
CA ILE A 240 -9.63 6.73 -28.31
C ILE A 240 -9.67 8.17 -28.92
N LYS A 241 -9.34 9.21 -28.16
CA LYS A 241 -9.42 10.62 -28.68
C LYS A 241 -8.43 10.90 -29.82
N ASN A 242 -7.38 10.09 -29.91
CA ASN A 242 -6.47 10.08 -31.04
C ASN A 242 -7.08 9.21 -32.12
N ASN A 243 -7.46 9.87 -33.21
CA ASN A 243 -8.10 9.27 -34.36
C ASN A 243 -7.35 8.05 -34.88
N GLU A 244 -6.01 8.11 -34.82
CA GLU A 244 -5.17 7.00 -35.27
C GLU A 244 -5.27 5.76 -34.41
N ASN A 245 -5.40 5.95 -33.09
CA ASN A 245 -5.64 4.89 -32.15
C ASN A 245 -7.04 4.33 -32.33
N LYS A 246 -7.97 5.19 -32.72
CA LYS A 246 -9.38 4.82 -32.87
C LYS A 246 -9.61 4.01 -34.15
N MET A 247 -8.94 4.43 -35.24
CA MET A 247 -8.97 3.69 -36.50
C MET A 247 -8.34 2.31 -36.35
N LEU A 248 -7.29 2.20 -35.55
CA LEU A 248 -6.65 0.91 -35.24
C LEU A 248 -7.59 -0.04 -34.51
N LEU A 249 -8.26 0.46 -33.48
CA LEU A 249 -9.32 -0.29 -32.81
C LEU A 249 -10.33 -0.78 -33.85
N LYS A 250 -10.94 0.14 -34.58
CA LYS A 250 -11.86 -0.21 -35.66
C LYS A 250 -11.39 -1.47 -36.44
N ARG A 251 -10.12 -1.46 -36.84
CA ARG A 251 -9.55 -2.47 -37.71
C ARG A 251 -9.29 -3.80 -37.02
N MET A 252 -8.76 -3.74 -35.81
CA MET A 252 -8.43 -4.94 -35.04
C MET A 252 -9.68 -5.70 -34.62
N GLN A 253 -10.65 -4.99 -34.02
CA GLN A 253 -11.98 -5.53 -33.69
C GLN A 253 -12.70 -6.28 -34.86
N LEU A 288 -19.34 2.14 -17.16
CA LEU A 288 -18.55 1.51 -18.23
C LEU A 288 -18.90 2.07 -19.62
N PRO A 289 -17.93 2.10 -20.57
CA PRO A 289 -18.25 2.49 -21.95
C PRO A 289 -19.43 1.67 -22.48
N LEU A 290 -20.10 2.19 -23.51
CA LEU A 290 -21.29 1.55 -24.08
C LEU A 290 -20.95 0.45 -25.09
N GLY A 291 -20.29 0.81 -26.19
CA GLY A 291 -19.96 -0.17 -27.23
C GLY A 291 -18.51 -0.62 -27.20
N THR A 292 -18.01 -1.01 -28.38
CA THR A 292 -16.70 -1.66 -28.57
C THR A 292 -16.65 -3.04 -27.94
N LEU A 293 -16.94 -3.14 -26.65
CA LEU A 293 -17.00 -4.44 -25.95
C LEU A 293 -18.40 -4.69 -25.35
N SER A 294 -18.62 -5.91 -24.86
CA SER A 294 -19.84 -6.15 -24.10
C SER A 294 -19.67 -5.66 -22.66
N LYS A 295 -20.79 -5.59 -21.94
CA LYS A 295 -20.75 -5.44 -20.48
C LYS A 295 -19.66 -6.36 -19.87
N SER A 296 -19.76 -7.67 -20.11
CA SER A 296 -18.87 -8.65 -19.46
C SER A 296 -17.38 -8.52 -19.80
N GLU A 297 -17.12 -8.05 -21.02
CA GLU A 297 -15.77 -7.84 -21.54
C GLU A 297 -15.15 -6.60 -20.89
N TRP A 298 -15.90 -5.51 -20.79
CA TRP A 298 -15.44 -4.36 -20.02
C TRP A 298 -15.14 -4.73 -18.57
N GLU A 299 -15.93 -5.67 -18.03
CA GLU A 299 -15.78 -6.10 -16.62
C GLU A 299 -14.46 -6.82 -16.41
N ALA A 300 -14.19 -7.79 -17.28
CA ALA A 300 -12.91 -8.48 -17.36
C ALA A 300 -11.76 -7.50 -17.61
N THR A 301 -11.87 -6.69 -18.66
CA THR A 301 -10.78 -5.78 -19.02
C THR A 301 -10.52 -4.68 -17.95
N SER A 302 -11.56 -4.22 -17.27
CA SER A 302 -11.42 -3.10 -16.32
C SER A 302 -10.67 -3.41 -15.02
N ILE A 303 -10.37 -4.70 -14.79
CA ILE A 303 -9.46 -5.16 -13.71
C ILE A 303 -8.06 -4.54 -13.76
N TYR A 304 -7.55 -4.31 -14.98
CA TYR A 304 -6.14 -3.96 -15.23
C TYR A 304 -5.84 -2.48 -15.22
N LEU A 305 -4.55 -2.18 -15.06
CA LEU A 305 -4.04 -0.83 -15.28
C LEU A 305 -2.79 -0.87 -16.17
N VAL A 306 -2.40 0.32 -16.63
CA VAL A 306 -1.28 0.50 -17.51
C VAL A 306 -0.32 1.40 -16.74
N PHE A 307 1.00 1.16 -16.89
CA PHE A 307 2.01 2.05 -16.23
C PHE A 307 3.19 2.35 -17.13
N ALA A 308 3.84 3.46 -16.87
CA ALA A 308 5.05 3.83 -17.58
C ALA A 308 5.96 4.58 -16.62
N PHE A 309 7.21 4.12 -16.54
CA PHE A 309 8.27 4.72 -15.73
C PHE A 309 9.45 5.10 -16.64
N GLU A 310 10.26 6.04 -16.16
CA GLU A 310 11.39 6.58 -16.91
C GLU A 310 12.65 6.60 -16.06
N LYS A 311 13.73 6.12 -16.67
CA LYS A 311 15.08 6.19 -16.11
C LYS A 311 15.56 7.64 -16.11
N GLN A 312 16.03 8.08 -14.95
CA GLN A 312 16.48 9.46 -14.84
C GLN A 312 17.97 9.57 -15.14
N GLN A 313 18.40 10.81 -15.32
CA GLN A 313 19.76 11.12 -15.73
C GLN A 313 20.72 11.11 -14.52
N ARG B 5 -23.57 15.18 18.14
CA ARG B 5 -22.76 15.97 19.13
C ARG B 5 -21.30 15.52 19.26
N ILE B 6 -20.38 16.48 19.20
CA ILE B 6 -18.94 16.21 19.35
C ILE B 6 -18.62 15.56 20.69
N PHE B 7 -19.45 15.85 21.69
CA PHE B 7 -19.26 15.40 23.05
C PHE B 7 -19.32 13.87 23.12
N TYR B 8 -20.37 13.31 22.54
CA TYR B 8 -20.63 11.88 22.56
C TYR B 8 -19.64 11.10 21.74
N LEU B 9 -19.26 11.65 20.59
CA LEU B 9 -18.15 11.13 19.76
C LEU B 9 -16.79 11.19 20.46
N ARG B 10 -16.44 12.35 21.02
CA ARG B 10 -15.22 12.53 21.82
C ARG B 10 -15.11 11.48 22.95
N ASN B 11 -16.18 11.29 23.71
CA ASN B 11 -16.19 10.30 24.80
C ASN B 11 -16.02 8.89 24.27
N PHE B 12 -16.66 8.61 23.13
CA PHE B 12 -16.56 7.31 22.48
C PHE B 12 -15.14 6.91 22.10
N ASN B 13 -14.46 7.74 21.32
CA ASN B 13 -13.06 7.53 20.98
C ASN B 13 -12.10 7.34 22.16
N ASN B 14 -12.32 8.11 23.22
CA ASN B 14 -11.62 8.00 24.49
C ASN B 14 -11.87 6.63 25.14
N TRP B 15 -13.11 6.15 25.03
CA TRP B 15 -13.53 4.84 25.56
C TRP B 15 -12.89 3.68 24.81
N MET B 16 -12.74 3.87 23.48
CA MET B 16 -12.05 2.92 22.61
C MET B 16 -10.60 2.71 23.08
N LYS B 17 -9.85 3.82 23.16
CA LYS B 17 -8.50 3.86 23.75
C LYS B 17 -8.50 3.18 25.11
N SER B 18 -9.57 3.38 25.85
CA SER B 18 -9.65 3.00 27.25
C SER B 18 -9.71 1.46 27.37
N VAL B 19 -10.60 0.85 26.61
CA VAL B 19 -10.73 -0.59 26.54
C VAL B 19 -9.51 -1.27 25.85
N LEU B 20 -8.90 -0.58 24.88
CA LEU B 20 -7.66 -1.03 24.26
C LEU B 20 -6.46 -1.09 25.21
N ILE B 21 -6.20 0.01 25.89
CA ILE B 21 -5.15 0.08 26.92
C ILE B 21 -5.37 -0.94 28.04
N GLY B 22 -6.59 -0.97 28.57
CA GLY B 22 -6.97 -1.87 29.65
C GLY B 22 -6.63 -3.32 29.25
N GLU B 23 -6.93 -3.68 28.00
CA GLU B 23 -6.76 -5.06 27.52
C GLU B 23 -5.30 -5.46 27.55
N PHE B 24 -4.45 -4.53 27.16
CA PHE B 24 -3.05 -4.84 27.08
C PHE B 24 -2.33 -4.77 28.41
N LEU B 25 -2.88 -3.99 29.32
CA LEU B 25 -2.39 -4.00 30.68
C LEU B 25 -2.62 -5.39 31.27
N GLU B 26 -3.83 -5.91 31.12
CA GLU B 26 -4.14 -7.23 31.60
C GLU B 26 -3.22 -8.27 30.96
N LYS B 27 -2.98 -8.14 29.66
CA LYS B 27 -2.15 -9.10 28.94
C LYS B 27 -0.71 -9.10 29.43
N VAL B 28 -0.19 -7.94 29.82
CA VAL B 28 1.15 -7.86 30.43
C VAL B 28 1.16 -8.57 31.78
N ARG B 29 0.06 -8.45 32.53
CA ARG B 29 -0.09 -9.09 33.87
C ARG B 29 -0.29 -10.63 33.82
N GLN B 30 -1.00 -11.14 32.81
CA GLN B 30 -1.11 -12.58 32.53
C GLN B 30 0.25 -13.20 32.21
N LYS B 31 1.17 -12.41 31.67
CA LYS B 31 2.59 -12.80 31.52
C LYS B 31 3.38 -12.77 32.85
N LYS B 32 2.68 -12.49 33.95
CA LYS B 32 3.25 -12.54 35.31
C LYS B 32 4.21 -11.38 35.62
N LYS B 33 4.08 -10.29 34.86
CA LYS B 33 4.81 -9.04 35.13
C LYS B 33 4.09 -8.15 36.17
N ARG B 34 4.82 -7.67 37.18
CA ARG B 34 4.22 -6.82 38.20
C ARG B 34 4.58 -5.36 37.98
N ASP B 35 5.86 -5.11 37.65
CA ASP B 35 6.37 -3.79 37.41
C ASP B 35 6.21 -3.45 35.94
N ILE B 36 5.36 -2.46 35.66
CA ILE B 36 5.05 -2.10 34.28
C ILE B 36 5.56 -0.70 33.95
N THR B 37 6.40 -0.65 32.93
CA THR B 37 6.96 0.55 32.39
C THR B 37 6.35 0.80 31.02
N VAL B 38 5.94 2.06 30.81
CA VAL B 38 5.16 2.43 29.65
C VAL B 38 5.71 3.66 28.91
N LEU B 39 5.71 3.60 27.57
CA LEU B 39 5.97 4.77 26.75
C LEU B 39 4.69 5.29 26.14
N ASP B 40 4.34 6.52 26.52
CA ASP B 40 3.22 7.26 25.93
C ASP B 40 3.74 8.23 24.84
N LEU B 41 3.72 7.75 23.61
CA LEU B 41 4.33 8.44 22.49
C LEU B 41 3.31 9.36 21.79
N GLY B 42 3.59 10.67 21.77
CA GLY B 42 2.66 11.65 21.18
C GLY B 42 1.55 11.89 22.19
N CYS B 43 1.92 12.33 23.39
CA CYS B 43 1.07 12.15 24.54
C CYS B 43 -0.02 13.22 24.68
N GLY B 44 0.13 14.35 24.00
CA GLY B 44 -0.82 15.44 24.12
C GLY B 44 -0.73 16.10 25.47
N LYS B 45 -1.87 16.53 26.01
CA LYS B 45 -1.91 17.20 27.30
C LYS B 45 -2.22 16.22 28.43
N GLY B 46 -1.97 14.92 28.22
CA GLY B 46 -2.08 13.91 29.26
C GLY B 46 -3.42 13.23 29.38
N GLY B 47 -4.10 12.99 28.25
CA GLY B 47 -5.47 12.45 28.24
C GLY B 47 -5.55 10.99 28.61
N ASP B 48 -4.39 10.33 28.66
CA ASP B 48 -4.31 8.91 29.02
C ASP B 48 -3.67 8.70 30.40
N LEU B 49 -3.21 9.78 31.03
CA LEU B 49 -2.61 9.76 32.38
C LEU B 49 -3.45 8.96 33.35
N LEU B 50 -4.75 9.27 33.36
CA LEU B 50 -5.72 8.63 34.23
C LEU B 50 -5.97 7.14 33.92
N LYS B 51 -5.61 6.68 32.73
CA LYS B 51 -5.76 5.26 32.35
C LYS B 51 -4.56 4.48 32.88
N TRP B 52 -3.35 5.03 32.69
CA TRP B 52 -2.14 4.51 33.33
C TRP B 52 -2.28 4.45 34.88
N LYS B 53 -2.92 5.46 35.45
CA LYS B 53 -3.21 5.40 36.89
C LYS B 53 -4.20 4.29 37.24
N LYS B 54 -5.18 4.05 36.36
CA LYS B 54 -6.10 2.92 36.51
C LYS B 54 -5.41 1.58 36.35
N GLY B 55 -4.44 1.51 35.44
CA GLY B 55 -3.64 0.33 35.20
C GLY B 55 -2.60 0.07 36.27
N ARG B 56 -2.39 1.04 37.18
CA ARG B 56 -1.41 0.91 38.27
C ARG B 56 -0.06 0.43 37.73
N ILE B 57 0.47 1.18 36.78
CA ILE B 57 1.77 0.88 36.16
C ILE B 57 2.83 1.45 37.11
N ASN B 58 4.09 1.20 36.82
CA ASN B 58 5.13 1.62 37.75
C ASN B 58 5.92 2.85 37.31
N LYS B 59 6.24 2.93 36.02
CA LYS B 59 6.88 4.12 35.41
C LYS B 59 6.26 4.44 34.06
N LEU B 60 6.05 5.73 33.82
CA LEU B 60 5.58 6.24 32.54
C LEU B 60 6.59 7.22 31.95
N VAL B 61 6.80 7.15 30.64
CA VAL B 61 7.43 8.23 29.92
C VAL B 61 6.37 8.79 28.96
N CYS B 62 6.15 10.11 29.06
CA CYS B 62 5.24 10.81 28.18
C CYS B 62 6.09 11.70 27.33
N THR B 63 5.97 11.56 26.03
CA THR B 63 6.65 12.47 25.13
C THR B 63 5.71 13.05 24.06
N ASP B 64 5.99 14.29 23.62
CA ASP B 64 5.26 14.92 22.52
C ASP B 64 6.21 15.89 21.77
N ILE B 65 5.74 16.38 20.63
CA ILE B 65 6.49 17.32 19.82
C ILE B 65 6.20 18.76 20.29
N ALA B 66 5.00 18.97 20.82
CA ALA B 66 4.57 20.30 21.28
C ALA B 66 4.94 20.53 22.74
N ASP B 67 6.00 21.30 22.98
CA ASP B 67 6.47 21.70 24.32
C ASP B 67 5.29 22.13 25.20
N VAL B 68 4.39 22.94 24.65
CA VAL B 68 3.22 23.41 25.36
C VAL B 68 2.36 22.28 25.93
N SER B 69 2.19 21.19 25.18
CA SER B 69 1.40 20.03 25.62
C SER B 69 2.17 19.11 26.59
N VAL B 70 3.48 19.00 26.40
CA VAL B 70 4.32 18.35 27.39
C VAL B 70 4.23 19.09 28.75
N LYS B 71 4.26 20.43 28.75
CA LYS B 71 4.18 21.21 30.02
C LYS B 71 2.81 21.05 30.69
N GLN B 72 1.73 21.23 29.91
CA GLN B 72 0.37 20.91 30.35
C GLN B 72 0.26 19.44 30.82
N CYS B 73 0.82 18.49 30.07
CA CYS B 73 0.82 17.08 30.50
C CYS B 73 1.52 16.82 31.82
N GLN B 74 2.76 17.29 31.96
CA GLN B 74 3.48 17.23 33.23
C GLN B 74 2.73 17.93 34.35
N GLN B 75 2.30 19.18 34.11
CA GLN B 75 1.42 19.97 34.98
C GLN B 75 0.28 19.14 35.52
N ARG B 76 -0.45 18.44 34.62
CA ARG B 76 -1.57 17.54 34.98
C ARG B 76 -1.14 16.34 35.79
N TYR B 77 0.02 15.77 35.43
CA TYR B 77 0.59 14.68 36.22
C TYR B 77 0.87 15.09 37.69
N GLU B 78 1.40 16.30 37.85
CA GLU B 78 1.80 16.81 39.16
C GLU B 78 0.55 17.16 40.01
N ASP B 79 -0.49 17.68 39.34
CA ASP B 79 -1.84 17.84 39.90
C ASP B 79 -2.43 16.52 40.38
N MET B 80 -2.43 15.50 39.53
CA MET B 80 -2.81 14.15 39.96
C MET B 80 -2.05 13.67 41.21
N LYS B 81 -0.71 13.68 41.16
CA LYS B 81 0.15 13.24 42.29
C LYS B 81 -0.07 13.95 43.65
N ASN B 82 -0.32 15.26 43.58
CA ASN B 82 -0.54 16.12 44.76
C ASN B 82 -1.89 15.97 45.48
N ARG B 83 -2.79 15.16 44.92
CA ARG B 83 -4.12 14.94 45.50
C ARG B 83 -4.14 14.04 46.75
N TYR B 88 0.53 5.15 46.63
CA TYR B 88 1.44 4.97 45.50
C TYR B 88 0.96 5.56 44.17
N ILE B 89 1.74 6.47 43.59
CA ILE B 89 1.54 6.89 42.20
C ILE B 89 2.77 6.50 41.38
N PHE B 90 2.52 5.98 40.18
CA PHE B 90 3.56 5.76 39.21
C PHE B 90 4.36 7.05 39.02
N SER B 91 5.65 6.89 38.75
CA SER B 91 6.51 8.01 38.44
C SER B 91 6.49 8.29 36.93
N ALA B 92 6.77 9.54 36.55
CA ALA B 92 6.71 9.96 35.16
C ALA B 92 7.87 10.85 34.72
N GLU B 93 8.27 10.71 33.45
CA GLU B 93 9.33 11.49 32.83
C GLU B 93 8.74 12.23 31.62
N PHE B 94 9.05 13.51 31.50
CA PHE B 94 8.47 14.33 30.46
C PHE B 94 9.47 14.85 29.45
N ILE B 95 9.22 14.54 28.18
CA ILE B 95 10.18 14.81 27.11
C ILE B 95 9.56 15.46 25.88
N THR B 96 10.07 16.64 25.52
CA THR B 96 9.74 17.27 24.24
C THR B 96 10.73 16.80 23.17
N ALA B 97 10.20 16.23 22.08
CA ALA B 97 10.96 15.57 21.02
C ALA B 97 10.03 15.40 19.86
N ASP B 98 10.56 15.40 18.63
CA ASP B 98 9.85 15.02 17.40
C ASP B 98 10.24 13.55 17.19
N SER B 99 9.36 12.64 17.60
CA SER B 99 9.71 11.21 17.56
C SER B 99 9.82 10.60 16.16
N SER B 100 9.73 11.46 15.14
CA SER B 100 9.94 11.05 13.73
C SER B 100 11.32 11.51 13.22
N LYS B 101 12.04 12.27 14.05
CA LYS B 101 13.32 12.87 13.69
C LYS B 101 14.40 12.68 14.73
N GLU B 102 14.01 12.34 15.98
CA GLU B 102 14.97 12.18 17.08
C GLU B 102 14.78 10.87 17.85
N LEU B 103 15.91 10.25 18.18
CA LEU B 103 16.01 9.14 19.08
C LEU B 103 15.69 9.54 20.50
N LEU B 104 14.63 8.95 21.03
CA LEU B 104 14.27 9.14 22.44
C LEU B 104 15.38 8.71 23.42
N ILE B 105 16.06 7.61 23.13
CA ILE B 105 17.11 7.06 23.99
C ILE B 105 18.15 8.08 24.48
N ASP B 106 18.35 9.15 23.71
CA ASP B 106 19.31 10.23 24.02
C ASP B 106 18.74 11.29 24.95
N LYS B 107 17.45 11.18 25.25
CA LYS B 107 16.75 12.15 26.08
C LYS B 107 16.37 11.61 27.46
N PHE B 108 16.21 10.30 27.56
CA PHE B 108 15.92 9.57 28.81
C PHE B 108 16.99 9.75 29.87
N ARG B 109 16.55 9.91 31.11
CA ARG B 109 17.43 9.79 32.25
C ARG B 109 18.15 8.46 32.21
N ASP B 110 17.41 7.40 31.88
CA ASP B 110 17.99 6.07 31.65
C ASP B 110 17.96 5.65 30.17
N PRO B 111 19.08 5.80 29.46
CA PRO B 111 19.16 5.46 28.01
C PRO B 111 19.05 3.95 27.74
N GLN B 112 19.14 3.18 28.80
CA GLN B 112 19.11 1.73 28.78
C GLN B 112 17.76 1.18 29.21
N MET B 113 16.82 2.08 29.49
CA MET B 113 15.49 1.68 29.88
C MET B 113 14.71 1.00 28.78
N CYS B 114 13.87 0.07 29.21
CA CYS B 114 12.99 -0.67 28.34
C CYS B 114 11.55 -0.42 28.76
N PHE B 115 10.64 -0.71 27.83
CA PHE B 115 9.23 -0.49 28.05
C PHE B 115 8.49 -1.80 27.87
N ASP B 116 7.41 -1.97 28.63
CA ASP B 116 6.58 -3.14 28.48
C ASP B 116 5.43 -2.84 27.54
N ILE B 117 5.05 -1.57 27.46
CA ILE B 117 4.04 -1.12 26.50
C ILE B 117 4.50 0.20 25.91
N CYS B 118 4.46 0.31 24.57
CA CYS B 118 4.37 1.61 23.91
C CYS B 118 2.93 1.88 23.44
N SER B 119 2.40 3.00 23.89
CA SER B 119 1.09 3.44 23.48
C SER B 119 1.16 4.65 22.51
N CYS B 120 0.63 4.46 21.32
CA CYS B 120 0.72 5.46 20.27
C CYS B 120 -0.71 5.70 19.71
N GLN B 121 -1.42 6.56 20.42
CA GLN B 121 -2.83 6.82 20.21
C GLN B 121 -3.12 8.09 19.37
N PHE B 122 -3.47 7.87 18.09
CA PHE B 122 -3.78 8.90 17.11
C PHE B 122 -2.61 9.80 16.79
N VAL B 123 -1.46 9.20 16.50
CA VAL B 123 -0.21 9.93 16.27
C VAL B 123 0.56 9.43 15.04
N CYS B 124 0.50 8.11 14.80
CA CYS B 124 1.34 7.43 13.81
C CYS B 124 1.24 8.04 12.45
N HIS B 125 0.02 8.39 12.06
CA HIS B 125 -0.24 8.98 10.75
C HIS B 125 0.54 10.26 10.47
N TYR B 126 0.96 10.96 11.53
CA TYR B 126 1.78 12.17 11.37
C TYR B 126 3.24 11.87 10.99
N SER B 127 3.69 10.62 11.16
CA SER B 127 5.07 10.25 10.80
C SER B 127 5.22 9.73 9.37
N PHE B 128 4.09 9.54 8.67
CA PHE B 128 4.14 9.03 7.28
C PHE B 128 4.34 10.11 6.26
N GLU B 129 5.01 11.18 6.67
CA GLU B 129 5.48 12.25 5.79
C GLU B 129 6.61 11.75 4.87
N SER B 130 7.45 10.88 5.42
CA SER B 130 8.56 10.27 4.67
C SER B 130 8.92 8.92 5.32
N TYR B 131 9.70 8.10 4.60
CA TYR B 131 10.12 6.80 5.09
C TYR B 131 10.84 6.96 6.44
N GLU B 132 11.78 7.92 6.48
CA GLU B 132 12.70 8.10 7.60
C GLU B 132 11.93 8.48 8.84
N GLN B 133 10.92 9.32 8.67
CA GLN B 133 10.06 9.72 9.76
C GLN B 133 9.26 8.54 10.27
N ALA B 134 8.58 7.85 9.36
CA ALA B 134 7.86 6.64 9.73
C ALA B 134 8.81 5.64 10.43
N ASP B 135 9.98 5.40 9.83
CA ASP B 135 10.94 4.46 10.39
C ASP B 135 11.47 4.87 11.75
N MET B 136 11.59 6.17 11.96
CA MET B 136 12.03 6.68 13.24
C MET B 136 10.97 6.61 14.32
N MET B 137 9.70 6.84 13.99
CA MET B 137 8.68 6.72 15.03
C MET B 137 8.44 5.26 15.41
N LEU B 138 8.62 4.37 14.45
CA LEU B 138 8.58 2.94 14.69
C LEU B 138 9.74 2.51 15.56
N ARG B 139 10.92 3.07 15.33
CA ARG B 139 12.10 2.77 16.12
C ARG B 139 11.90 3.14 17.60
N ASN B 140 11.50 4.40 17.83
CA ASN B 140 11.25 4.91 19.17
C ASN B 140 10.17 4.13 19.91
N ALA B 141 9.17 3.69 19.16
CA ALA B 141 8.04 2.95 19.70
C ALA B 141 8.40 1.49 20.07
N CYS B 142 9.20 0.84 19.21
CA CYS B 142 9.43 -0.59 19.30
C CYS B 142 10.86 -0.99 19.64
N GLU B 143 11.84 -0.07 19.56
CA GLU B 143 13.23 -0.49 19.78
C GLU B 143 13.54 -0.82 21.25
N ARG B 144 12.95 -0.07 22.17
CA ARG B 144 13.20 -0.30 23.59
C ARG B 144 12.07 -1.09 24.24
N LEU B 145 11.41 -1.96 23.48
CA LEU B 145 10.41 -2.88 24.05
C LEU B 145 11.09 -4.10 24.64
N SER B 146 10.50 -4.60 25.71
CA SER B 146 10.92 -5.79 26.40
C SER B 146 10.50 -6.99 25.58
N PRO B 147 11.06 -8.17 25.86
CA PRO B 147 10.51 -9.44 25.29
C PRO B 147 9.02 -9.65 25.67
N GLY B 148 8.16 -9.82 24.66
CA GLY B 148 6.72 -9.95 24.89
C GLY B 148 6.02 -8.62 25.14
N GLY B 149 6.74 -7.52 24.89
CA GLY B 149 6.20 -6.17 25.10
C GLY B 149 5.32 -5.83 23.92
N TYR B 150 4.49 -4.80 24.09
CA TYR B 150 3.44 -4.43 23.14
C TYR B 150 3.56 -3.01 22.55
N PHE B 151 3.35 -2.88 21.23
CA PHE B 151 3.18 -1.60 20.61
C PHE B 151 1.72 -1.56 20.15
N ILE B 152 0.94 -0.61 20.68
CA ILE B 152 -0.51 -0.50 20.44
C ILE B 152 -0.92 0.94 20.01
N GLY B 153 -2.08 1.07 19.38
CA GLY B 153 -2.47 2.35 18.85
C GLY B 153 -3.72 2.38 18.01
N THR B 154 -4.06 3.60 17.60
CA THR B 154 -5.28 3.90 16.90
C THR B 154 -4.89 4.88 15.83
N THR B 155 -5.39 4.67 14.62
CA THR B 155 -5.00 5.48 13.48
C THR B 155 -6.07 5.31 12.42
N PRO B 156 -6.31 6.35 11.55
CA PRO B 156 -7.26 6.20 10.46
C PRO B 156 -6.96 4.95 9.62
N ASN B 157 -8.05 4.27 9.22
CA ASN B 157 -8.02 3.08 8.39
C ASN B 157 -8.06 3.56 6.92
N SER B 158 -6.91 3.46 6.25
CA SER B 158 -6.76 3.93 4.88
C SER B 158 -7.77 3.29 3.92
N PHE B 159 -8.19 2.06 4.22
CA PHE B 159 -9.17 1.36 3.39
C PHE B 159 -10.50 2.10 3.41
N GLU B 160 -10.93 2.51 4.60
CA GLU B 160 -12.18 3.25 4.78
C GLU B 160 -12.16 4.67 4.22
N LEU B 161 -11.00 5.34 4.26
CA LEU B 161 -10.89 6.69 3.74
C LEU B 161 -10.96 6.69 2.24
N ILE B 162 -10.30 5.72 1.62
CA ILE B 162 -10.29 5.57 0.15
C ILE B 162 -11.61 5.01 -0.42
N ARG B 163 -12.24 4.10 0.31
CA ARG B 163 -13.58 3.62 0.00
C ARG B 163 -14.50 4.82 -0.16
N ARG B 164 -14.49 5.68 0.85
CA ARG B 164 -15.32 6.88 0.84
C ARG B 164 -14.86 7.91 -0.22
N LEU B 165 -13.55 7.99 -0.43
CA LEU B 165 -12.97 8.92 -1.40
C LEU B 165 -13.34 8.57 -2.84
N GLU B 166 -13.16 7.31 -3.22
CA GLU B 166 -13.46 6.84 -4.57
C GLU B 166 -14.98 6.81 -4.83
N ALA B 167 -15.76 6.63 -3.77
CA ALA B 167 -17.22 6.74 -3.84
C ALA B 167 -17.73 8.19 -3.99
N SER B 168 -16.98 9.15 -3.46
CA SER B 168 -17.35 10.57 -3.47
C SER B 168 -17.27 11.19 -4.87
N GLU B 169 -18.00 12.29 -5.09
CA GLU B 169 -18.00 12.99 -6.38
C GLU B 169 -16.90 14.08 -6.48
N THR B 170 -16.23 14.34 -5.36
CA THR B 170 -15.10 15.27 -5.32
C THR B 170 -13.94 14.62 -4.55
N GLU B 171 -13.00 15.44 -4.07
CA GLU B 171 -11.92 14.95 -3.23
C GLU B 171 -12.30 14.99 -1.75
N SER B 172 -13.43 15.63 -1.45
CA SER B 172 -13.98 15.73 -0.09
C SER B 172 -15.08 14.71 0.16
N PHE B 173 -15.30 14.38 1.43
CA PHE B 173 -16.51 13.70 1.87
C PHE B 173 -16.76 13.99 3.36
N GLY B 174 -17.92 13.61 3.86
CA GLY B 174 -18.19 13.75 5.28
C GLY B 174 -19.61 14.10 5.58
N ASN B 175 -19.81 14.70 6.75
CA ASN B 175 -21.15 15.04 7.21
C ASN B 175 -21.16 16.26 8.15
N GLU B 176 -22.16 16.28 9.03
CA GLU B 176 -22.41 17.38 9.95
C GLU B 176 -21.28 17.56 10.97
N ILE B 177 -20.67 16.42 11.35
CA ILE B 177 -19.67 16.36 12.41
C ILE B 177 -18.23 16.46 11.91
N TYR B 178 -17.99 15.94 10.70
CA TYR B 178 -16.65 15.77 10.19
C TYR B 178 -16.55 16.03 8.69
N THR B 179 -15.36 16.42 8.29
CA THR B 179 -15.05 16.49 6.88
C THR B 179 -13.64 15.94 6.67
N VAL B 180 -13.45 15.30 5.52
CA VAL B 180 -12.14 14.88 5.07
C VAL B 180 -11.93 15.43 3.66
N LYS B 181 -10.77 16.03 3.46
CA LYS B 181 -10.40 16.67 2.23
C LYS B 181 -9.03 16.11 1.83
N PHE B 182 -9.01 15.27 0.79
CA PHE B 182 -7.75 14.82 0.20
C PHE B 182 -7.22 15.87 -0.80
N GLN B 183 -5.90 16.06 -0.76
CA GLN B 183 -5.18 16.92 -1.69
C GLN B 183 -5.38 16.44 -3.13
N LYS B 184 -5.20 15.13 -3.33
CA LYS B 184 -5.31 14.54 -4.65
C LYS B 184 -6.09 13.21 -4.62
N LYS B 185 -6.63 12.81 -5.77
CA LYS B 185 -7.53 11.66 -5.89
C LYS B 185 -6.91 10.55 -6.77
N GLY B 186 -7.25 9.30 -6.45
CA GLY B 186 -6.83 8.14 -7.26
C GLY B 186 -5.32 7.96 -7.39
N ASP B 187 -4.58 8.49 -6.41
CA ASP B 187 -3.12 8.65 -6.43
C ASP B 187 -2.70 8.67 -4.96
N TYR B 188 -2.04 7.62 -4.52
CA TYR B 188 -1.87 7.34 -3.10
C TYR B 188 -0.47 6.88 -2.75
N PRO B 189 0.48 7.81 -2.58
CA PRO B 189 1.88 7.46 -2.31
C PRO B 189 2.09 6.87 -0.91
N LEU B 190 3.07 5.98 -0.78
CA LEU B 190 3.34 5.28 0.48
C LEU B 190 3.60 6.28 1.60
N PHE B 191 4.24 7.39 1.24
CA PHE B 191 4.58 8.42 2.20
C PHE B 191 4.18 9.76 1.61
N GLY B 192 3.77 10.68 2.46
CA GLY B 192 3.44 12.03 2.00
C GLY B 192 2.05 12.20 1.43
N CYS B 193 1.23 11.14 1.51
CA CYS B 193 -0.15 11.19 1.01
C CYS B 193 -1.07 11.95 1.95
N LYS B 194 -1.23 13.24 1.64
CA LYS B 194 -1.82 14.21 2.53
C LYS B 194 -3.33 14.46 2.37
N TYR B 195 -3.97 14.72 3.51
CA TYR B 195 -5.38 15.09 3.62
C TYR B 195 -5.62 15.91 4.91
N ASP B 196 -6.79 16.52 4.98
CA ASP B 196 -7.21 17.28 6.14
C ASP B 196 -8.29 16.44 6.72
N PHE B 197 -8.35 16.41 8.05
CA PHE B 197 -9.41 15.70 8.72
C PHE B 197 -9.78 16.52 9.93
N ASN B 198 -10.83 17.31 9.76
CA ASN B 198 -11.30 18.24 10.79
C ASN B 198 -12.61 17.74 11.37
N LEU B 199 -12.74 17.87 12.68
CA LEU B 199 -14.01 17.63 13.36
C LEU B 199 -14.81 18.91 13.44
N GLU B 200 -16.11 18.78 13.75
CA GLU B 200 -16.99 19.93 13.99
C GLU B 200 -17.19 20.77 12.73
N ASP B 204 -7.18 22.49 12.35
CA ASP B 204 -7.25 21.39 11.39
C ASP B 204 -5.89 21.00 10.76
N VAL B 205 -5.06 20.31 11.55
CA VAL B 205 -3.73 19.77 11.17
C VAL B 205 -3.81 18.78 9.97
N PRO B 206 -2.85 18.86 9.02
CA PRO B 206 -2.73 17.85 7.94
C PRO B 206 -2.22 16.46 8.39
N GLU B 207 -2.69 15.42 7.70
CA GLU B 207 -2.36 14.04 8.04
C GLU B 207 -1.90 13.24 6.83
N PHE B 208 -1.26 12.11 7.09
CA PHE B 208 -0.78 11.23 6.05
C PHE B 208 -1.42 9.86 6.21
N LEU B 209 -1.71 9.26 5.06
CA LEU B 209 -2.31 7.95 5.03
C LEU B 209 -1.30 6.94 5.59
N VAL B 210 -1.79 5.97 6.36
CA VAL B 210 -0.99 4.87 6.81
C VAL B 210 -1.54 3.64 6.12
N TYR B 211 -0.76 3.03 5.23
CA TYR B 211 -1.25 1.85 4.58
C TYR B 211 -0.89 0.71 5.49
N PHE B 212 -1.87 0.18 6.20
CA PHE B 212 -1.52 -0.77 7.29
C PHE B 212 -0.61 -1.88 6.84
N PRO B 213 -0.88 -2.54 5.69
CA PRO B 213 0.04 -3.62 5.31
C PRO B 213 1.54 -3.20 5.28
N LEU B 214 1.80 -1.92 5.00
CA LEU B 214 3.15 -1.34 5.00
C LEU B 214 3.69 -1.11 6.43
N LEU B 215 2.88 -0.49 7.31
CA LEU B 215 3.16 -0.49 8.76
C LEU B 215 3.54 -1.90 9.22
N ASN B 216 2.71 -2.90 8.94
CA ASN B 216 3.04 -4.29 9.24
C ASN B 216 4.46 -4.73 8.88
N GLU B 217 4.94 -4.39 7.68
CA GLU B 217 6.27 -4.85 7.23
C GLU B 217 7.40 -4.10 7.93
N MET B 218 7.26 -2.78 7.95
CA MET B 218 8.20 -1.92 8.63
C MET B 218 8.44 -2.31 10.10
N ALA B 219 7.41 -2.84 10.74
CA ALA B 219 7.50 -3.20 12.14
C ALA B 219 8.33 -4.45 12.33
N LYS B 220 8.41 -5.26 11.27
CA LYS B 220 9.26 -6.48 11.26
C LYS B 220 10.74 -6.14 11.44
N LYS B 221 11.12 -4.92 11.04
CA LYS B 221 12.50 -4.42 11.22
C LYS B 221 12.92 -4.38 12.69
N TYR B 222 11.95 -4.13 13.58
CA TYR B 222 12.23 -4.14 15.03
C TYR B 222 11.80 -5.42 15.74
N ASN B 223 11.78 -6.54 15.01
CA ASN B 223 11.42 -7.88 15.55
C ASN B 223 9.99 -7.87 16.17
N MET B 224 9.08 -7.13 15.50
CA MET B 224 7.70 -7.03 15.97
C MET B 224 6.82 -7.95 15.17
N LYS B 225 5.73 -8.41 15.77
CA LYS B 225 4.78 -9.26 15.07
C LYS B 225 3.36 -8.84 15.42
N LEU B 226 2.54 -8.73 14.38
CA LEU B 226 1.12 -8.37 14.49
C LEU B 226 0.27 -9.27 15.40
N VAL B 227 -0.16 -8.71 16.53
CA VAL B 227 -1.21 -9.32 17.34
C VAL B 227 -2.53 -9.30 16.55
N TYR B 228 -3.13 -8.12 16.37
CA TYR B 228 -4.29 -7.99 15.48
C TYR B 228 -4.46 -6.56 14.90
N LYS B 229 -5.31 -6.47 13.87
CA LYS B 229 -5.76 -5.19 13.28
C LYS B 229 -7.29 -5.22 13.27
N LYS B 230 -7.95 -4.20 13.79
CA LYS B 230 -9.44 -4.25 13.91
C LYS B 230 -10.06 -2.88 13.75
N THR B 231 -11.05 -2.80 12.88
CA THR B 231 -11.81 -1.58 12.69
C THR B 231 -12.41 -1.12 14.03
N PHE B 232 -12.66 0.18 14.15
CA PHE B 232 -13.35 0.70 15.32
C PHE B 232 -14.71 0.02 15.50
N LEU B 233 -15.36 -0.38 14.39
CA LEU B 233 -16.65 -1.11 14.46
C LEU B 233 -16.49 -2.55 14.93
N GLU B 234 -15.48 -3.26 14.40
CA GLU B 234 -15.17 -4.60 14.91
C GLU B 234 -14.85 -4.54 16.40
N PHE B 235 -13.94 -3.64 16.79
CA PHE B 235 -13.47 -3.58 18.18
C PHE B 235 -14.62 -3.24 19.13
N TYR B 236 -15.48 -2.30 18.73
CA TYR B 236 -16.72 -2.00 19.46
C TYR B 236 -17.62 -3.22 19.68
N GLU B 237 -17.98 -3.94 18.62
CA GLU B 237 -18.92 -5.07 18.73
C GLU B 237 -18.37 -6.13 19.69
N GLU B 238 -17.06 -6.37 19.59
CA GLU B 238 -16.33 -7.19 20.55
C GLU B 238 -16.53 -6.73 21.98
N LYS B 239 -16.18 -5.47 22.24
CA LYS B 239 -16.01 -4.94 23.61
C LYS B 239 -17.31 -4.62 24.32
N ILE B 240 -18.29 -4.13 23.56
CA ILE B 240 -19.58 -3.71 24.11
C ILE B 240 -20.37 -4.89 24.63
N LYS B 241 -19.84 -6.10 24.43
CA LYS B 241 -20.43 -7.35 24.96
C LYS B 241 -20.26 -7.44 26.47
N ASN B 242 -19.07 -7.02 26.92
CA ASN B 242 -18.74 -6.86 28.34
C ASN B 242 -19.60 -5.77 28.94
N ASN B 243 -20.18 -6.05 30.10
CA ASN B 243 -21.06 -5.08 30.75
C ASN B 243 -20.32 -4.04 31.56
N GLU B 244 -19.12 -4.36 32.02
CA GLU B 244 -18.29 -3.34 32.67
C GLU B 244 -17.84 -2.29 31.64
N ASN B 245 -17.44 -2.74 30.45
CA ASN B 245 -17.15 -1.85 29.29
C ASN B 245 -18.33 -0.96 28.92
N LYS B 246 -19.48 -1.60 28.62
CA LYS B 246 -20.75 -0.92 28.40
C LYS B 246 -21.09 0.08 29.53
N MET B 247 -21.11 -0.39 30.76
CA MET B 247 -21.43 0.43 31.93
C MET B 247 -20.49 1.65 32.00
N LEU B 248 -19.23 1.49 31.59
CA LEU B 248 -18.23 2.57 31.57
C LEU B 248 -18.57 3.65 30.56
N LEU B 249 -18.84 3.20 29.33
CA LEU B 249 -19.24 4.09 28.27
C LEU B 249 -20.48 4.96 28.66
N LYS B 250 -21.42 4.35 29.39
CA LYS B 250 -22.60 5.06 29.91
C LYS B 250 -22.26 6.10 31.00
N ARG B 251 -21.44 5.72 31.98
CA ARG B 251 -20.95 6.68 32.98
C ARG B 251 -20.23 7.90 32.32
N MET B 252 -19.54 7.67 31.20
CA MET B 252 -18.86 8.71 30.38
C MET B 252 -19.79 9.67 29.59
N GLN B 253 -20.81 9.11 28.92
CA GLN B 253 -21.77 9.88 28.15
C GLN B 253 -22.59 10.95 28.91
N LEU B 288 -24.16 0.08 10.09
CA LEU B 288 -23.89 0.87 11.31
C LEU B 288 -24.76 0.39 12.50
N PRO B 289 -24.17 0.31 13.70
CA PRO B 289 -25.00 -0.13 14.85
C PRO B 289 -26.20 0.78 15.18
N LEU B 290 -27.27 0.19 15.68
CA LEU B 290 -28.51 0.93 15.95
C LEU B 290 -28.49 1.70 17.29
N GLY B 291 -27.49 1.41 18.12
CA GLY B 291 -27.40 2.02 19.45
C GLY B 291 -26.15 2.85 19.69
N THR B 292 -26.09 3.45 20.90
CA THR B 292 -24.92 4.12 21.48
C THR B 292 -24.54 5.41 20.77
N LEU B 293 -24.38 5.37 19.44
CA LEU B 293 -24.14 6.60 18.67
C LEU B 293 -25.20 6.83 17.64
N SER B 294 -25.28 8.08 17.18
CA SER B 294 -26.15 8.46 16.08
C SER B 294 -25.44 8.10 14.77
N LYS B 295 -26.19 8.06 13.66
CA LYS B 295 -25.63 7.73 12.34
C LYS B 295 -24.39 8.55 11.99
N SER B 296 -24.45 9.86 12.21
CA SER B 296 -23.35 10.78 11.93
C SER B 296 -22.13 10.60 12.84
N GLU B 297 -22.35 10.14 14.08
CA GLU B 297 -21.26 9.84 14.99
C GLU B 297 -20.59 8.51 14.62
N TRP B 298 -21.37 7.48 14.34
CA TRP B 298 -20.83 6.24 13.80
C TRP B 298 -19.95 6.48 12.56
N GLU B 299 -20.40 7.29 11.60
CA GLU B 299 -19.62 7.54 10.37
C GLU B 299 -18.25 8.12 10.66
N ALA B 300 -18.17 9.00 11.66
CA ALA B 300 -16.91 9.62 12.08
C ALA B 300 -15.96 8.66 12.84
N THR B 301 -16.42 7.91 13.85
CA THR B 301 -15.50 6.93 14.51
C THR B 301 -15.08 5.78 13.62
N SER B 302 -16.01 5.27 12.83
CA SER B 302 -15.78 4.11 12.00
C SER B 302 -14.55 4.22 11.07
N ILE B 303 -14.07 5.45 10.85
CA ILE B 303 -12.83 5.76 10.10
C ILE B 303 -11.55 5.17 10.71
N TYR B 304 -11.55 4.96 12.02
CA TYR B 304 -10.34 4.52 12.72
C TYR B 304 -10.31 3.02 12.76
N LEU B 305 -9.12 2.52 13.06
CA LEU B 305 -8.88 1.13 13.46
C LEU B 305 -7.96 1.14 14.68
N VAL B 306 -7.98 0.04 15.46
CA VAL B 306 -7.00 -0.23 16.51
C VAL B 306 -5.95 -1.24 16.01
N PHE B 307 -4.76 -1.21 16.62
CA PHE B 307 -3.69 -2.18 16.29
C PHE B 307 -2.86 -2.52 17.51
N ALA B 308 -2.35 -3.76 17.52
CA ALA B 308 -1.36 -4.20 18.50
C ALA B 308 -0.26 -5.01 17.83
N PHE B 309 1.00 -4.75 18.20
CA PHE B 309 2.13 -5.59 17.77
C PHE B 309 2.86 -6.17 19.01
N GLU B 310 3.44 -7.35 18.87
CA GLU B 310 4.10 -8.01 19.97
C GLU B 310 5.60 -8.14 19.64
N LYS B 311 6.42 -7.81 20.65
CA LYS B 311 7.86 -7.94 20.59
C LYS B 311 8.21 -9.43 20.74
N GLN B 312 8.91 -9.94 19.74
CA GLN B 312 9.29 -11.34 19.66
C GLN B 312 10.63 -11.58 20.39
N GLN B 313 11.05 -12.84 20.42
CA GLN B 313 12.37 -13.24 20.95
C GLN B 313 13.49 -12.75 20.01
N SFG C . 3.76 -10.77 -22.54
CA SFG C . 2.64 -11.71 -22.89
C SFG C . 1.61 -11.02 -23.73
O SFG C . 1.28 -9.85 -23.50
OXT SFG C . 1.05 -11.62 -24.66
CB SFG C . 1.82 -12.06 -21.66
CG SFG C . 1.97 -13.39 -20.97
CD SFG C . 1.58 -13.12 -19.51
NE SFG C . 0.19 -13.39 -19.22
C5' SFG C . 2.44 -13.82 -18.45
C4' SFG C . 3.77 -14.31 -19.00
O4' SFG C . 4.81 -14.06 -18.07
C3' SFG C . 3.71 -15.79 -19.27
O3' SFG C . 4.44 -15.99 -20.51
C2' SFG C . 4.49 -16.42 -18.15
O2' SFG C . 5.18 -17.55 -18.67
C1' SFG C . 5.50 -15.32 -17.88
N9 SFG C . 6.10 -15.37 -16.55
C8 SFG C . 5.51 -15.64 -15.36
N7 SFG C . 6.43 -15.54 -14.36
C5 SFG C . 7.62 -15.18 -14.90
C6 SFG C . 8.98 -14.92 -14.43
N6 SFG C . 9.30 -15.02 -13.10
N1 SFG C . 9.91 -14.57 -15.36
C2 SFG C . 9.60 -14.47 -16.67
N3 SFG C . 8.40 -14.71 -17.17
C4 SFG C . 7.39 -15.06 -16.36
N SFG D . -2.24 10.76 22.36
CA SFG D . -3.17 11.91 22.21
C SFG D . -4.51 11.55 22.79
O SFG D . -5.02 10.47 22.52
OXT SFG D . -5.13 12.31 23.54
CB SFG D . -3.39 12.20 20.73
CG SFG D . -2.99 13.56 20.20
CD SFG D . -2.92 13.39 18.68
NE SFG D . -4.10 13.88 17.99
C5' SFG D . -1.65 13.93 18.06
C4' SFG D . -0.59 14.25 19.09
O4' SFG D . 0.65 13.76 18.59
C3' SFG D . -0.43 15.77 19.31
O3' SFG D . -0.05 16.02 20.67
C2' SFG D . 0.75 16.10 18.45
O2' SFG D . 1.38 17.31 18.87
C1' SFG D . 1.59 14.83 18.63
N9 SFG D . 2.64 14.62 17.60
C8 SFG D . 2.46 14.86 16.29
N7 SFG D . 3.59 14.56 15.60
C5 SFG D . 4.51 14.10 16.48
C6 SFG D . 5.91 13.62 16.41
N6 SFG D . 6.52 13.59 15.22
N1 SFG D . 6.54 13.23 17.54
C2 SFG D . 5.89 13.28 18.75
N3 SFG D . 4.62 13.72 18.89
C4 SFG D . 3.88 14.15 17.82
#